data_8JSF
#
_entry.id   8JSF
#
_cell.length_a   164.483
_cell.length_b   164.483
_cell.length_c   164.483
_cell.angle_alpha   90.00
_cell.angle_beta   90.00
_cell.angle_gamma   90.00
#
_symmetry.space_group_name_H-M   'I 2 3'
#
loop_
_entity.id
_entity.type
_entity.pdbx_description
1 polymer 'cytidylate cyclase'
2 water water
#
_entity_poly.entity_id   1
_entity_poly.type   'polypeptide(L)'
_entity_poly.pdbx_seq_one_letter_code
;GMEQKLYKNYADDIAHYLKQGKKNNLQKGLSYEHFSKNLSSHPKMQWVDKTKNEANFRSLSALNTITGQITKYEEKLGAH
PSFSHLKNTNDSEYHYIVSMFVDVRNSTGLFKKFDPDVVANICRTIQLATIHTCWYFDGYVHRLQGDGLMVYFGGKGTTK
QKAVDNALMAASFISYFVKNDLKNLFEEQGVSRIYTRIGLDFGDDEDTLWHNAGIGECSEVTTTSLHTSLACKMQAQAES
NGVVVGDNILPYKSSDKNYFTYKKYKKNGSELPYVYEIPEEYFRYKQHDFNWEKFLKNHPQIQEDEDGNLTFINPSLPPN
PRVQQNINHLQQNVSGYKPYLR
;
_entity_poly.pdbx_strand_id   A,B
#
# COMPACT_ATOMS: atom_id res chain seq x y z
N LYS A 8 1.90 14.81 -23.57
CA LYS A 8 3.08 14.57 -24.40
C LYS A 8 4.35 14.92 -23.62
N ASN A 9 4.24 15.95 -22.77
CA ASN A 9 5.41 16.40 -22.02
C ASN A 9 5.91 15.31 -21.07
N TYR A 10 4.99 14.65 -20.35
CA TYR A 10 5.39 13.55 -19.49
C TYR A 10 5.98 12.40 -20.29
N ALA A 11 5.35 12.06 -21.41
CA ALA A 11 5.85 10.98 -22.26
C ALA A 11 7.23 11.32 -22.83
N ASP A 12 7.42 12.57 -23.25
CA ASP A 12 8.72 12.99 -23.75
C ASP A 12 9.78 12.90 -22.66
N ASP A 13 9.45 13.38 -21.46
CA ASP A 13 10.38 13.25 -20.34
C ASP A 13 10.75 11.79 -20.11
N ILE A 14 9.76 10.90 -20.15
CA ILE A 14 10.01 9.48 -19.87
C ILE A 14 10.88 8.87 -20.95
N ALA A 15 10.64 9.20 -22.22
CA ALA A 15 11.49 8.70 -23.30
C ALA A 15 12.93 9.17 -23.10
N HIS A 16 13.11 10.47 -22.82
CA HIS A 16 14.45 10.98 -22.56
C HIS A 16 15.12 10.26 -21.41
N TYR A 17 14.39 10.04 -20.31
CA TYR A 17 14.97 9.33 -19.16
C TYR A 17 15.35 7.91 -19.55
N LEU A 18 14.51 7.23 -20.34
CA LEU A 18 14.80 5.88 -20.77
C LEU A 18 16.02 5.82 -21.68
N LYS A 19 16.40 6.94 -22.29
CA LYS A 19 17.67 7.00 -23.01
C LYS A 19 18.87 7.10 -22.09
N GLN A 20 18.68 7.19 -20.77
CA GLN A 20 19.78 7.40 -19.83
C GLN A 20 20.13 6.10 -19.09
N GLY A 21 20.48 5.08 -19.86
CA GLY A 21 20.82 3.80 -19.27
C GLY A 21 22.20 3.81 -18.60
N LYS A 22 22.43 2.77 -17.80
CA LYS A 22 23.69 2.63 -17.07
C LYS A 22 24.87 2.48 -18.02
N ILE A 70 -5.68 22.33 -14.03
CA ILE A 70 -6.32 22.38 -12.72
C ILE A 70 -5.45 21.68 -11.67
N THR A 71 -4.73 22.47 -10.88
CA THR A 71 -3.84 21.96 -9.86
C THR A 71 -4.45 22.14 -8.47
N LYS A 72 -4.00 21.31 -7.53
CA LYS A 72 -4.42 21.36 -6.13
C LYS A 72 -3.17 21.27 -5.24
N TYR A 73 -2.24 22.22 -5.40
CA TYR A 73 -0.96 22.15 -4.71
C TYR A 73 -1.06 22.26 -3.19
N GLU A 74 -2.18 22.71 -2.64
CA GLU A 74 -2.28 22.89 -1.20
C GLU A 74 -3.01 21.77 -0.49
N GLU A 75 -3.51 20.77 -1.22
CA GLU A 75 -4.20 19.65 -0.58
C GLU A 75 -3.16 18.66 -0.07
N LYS A 76 -3.07 18.55 1.25
CA LYS A 76 -2.19 17.58 1.88
C LYS A 76 -2.75 16.18 1.72
N LEU A 77 -1.89 15.19 1.95
CA LEU A 77 -2.30 13.80 1.95
C LEU A 77 -3.00 13.45 3.26
N GLY A 78 -3.79 12.38 3.22
CA GLY A 78 -4.45 11.88 4.42
C GLY A 78 -5.43 12.86 5.04
N ALA A 79 -6.03 13.73 4.23
CA ALA A 79 -6.87 14.78 4.78
C ALA A 79 -7.88 15.30 3.76
N HIS A 80 -8.82 14.46 3.34
CA HIS A 80 -9.87 14.89 2.43
C HIS A 80 -10.52 16.17 2.94
N PRO A 81 -10.61 17.22 2.12
CA PRO A 81 -11.10 18.52 2.63
C PRO A 81 -12.49 18.47 3.27
N SER A 82 -13.38 17.59 2.81
CA SER A 82 -14.70 17.52 3.43
C SER A 82 -14.65 16.98 4.84
N PHE A 83 -13.55 16.34 5.24
CA PHE A 83 -13.50 15.65 6.51
C PHE A 83 -12.25 15.96 7.32
N SER A 84 -11.39 16.87 6.85
CA SER A 84 -10.14 17.17 7.55
C SER A 84 -10.42 17.70 8.95
N HIS A 85 -11.59 18.31 9.16
CA HIS A 85 -11.96 18.82 10.48
C HIS A 85 -12.01 17.73 11.54
N LEU A 86 -12.07 16.46 11.15
CA LEU A 86 -12.13 15.40 12.15
C LEU A 86 -10.81 15.18 12.85
N LYS A 87 -9.71 15.70 12.30
CA LYS A 87 -8.41 15.55 12.93
C LYS A 87 -8.37 16.33 14.25
N ASN A 88 -7.63 15.78 15.22
CA ASN A 88 -7.49 16.32 16.56
C ASN A 88 -8.80 16.29 17.34
N THR A 89 -9.78 15.53 16.86
CA THR A 89 -11.04 15.31 17.54
C THR A 89 -11.29 13.81 17.59
N ASN A 90 -12.30 13.42 18.36
CA ASN A 90 -12.75 12.03 18.40
C ASN A 90 -14.04 11.82 17.61
N ASP A 91 -14.29 12.64 16.59
CA ASP A 91 -15.54 12.59 15.84
C ASP A 91 -15.39 11.75 14.59
N SER A 92 -16.53 11.40 14.01
CA SER A 92 -16.60 10.55 12.83
C SER A 92 -17.92 10.82 12.12
N GLU A 93 -17.93 10.56 10.82
CA GLU A 93 -19.08 10.86 9.98
C GLU A 93 -19.28 9.77 8.94
N TYR A 94 -20.54 9.43 8.66
CA TYR A 94 -20.89 8.52 7.58
C TYR A 94 -21.20 9.33 6.32
N HIS A 95 -20.52 8.99 5.22
CA HIS A 95 -20.66 9.76 3.99
C HIS A 95 -20.14 8.94 2.82
N TYR A 96 -20.90 8.91 1.74
CA TYR A 96 -20.53 8.13 0.55
C TYR A 96 -19.17 8.57 0.02
N ILE A 97 -18.54 7.68 -0.74
CA ILE A 97 -17.33 8.05 -1.48
C ILE A 97 -17.09 7.03 -2.57
N VAL A 98 -16.39 7.45 -3.61
CA VAL A 98 -15.83 6.55 -4.61
C VAL A 98 -14.35 6.37 -4.27
N SER A 99 -13.95 5.12 -4.04
CA SER A 99 -12.57 4.80 -3.72
C SER A 99 -11.89 4.24 -4.96
N MET A 100 -10.70 4.77 -5.27
CA MET A 100 -9.92 4.32 -6.42
C MET A 100 -8.51 3.99 -5.95
N PHE A 101 -8.05 2.80 -6.28
CA PHE A 101 -6.67 2.39 -6.05
C PHE A 101 -5.98 2.21 -7.39
N VAL A 102 -4.86 2.89 -7.57
CA VAL A 102 -4.07 2.83 -8.80
C VAL A 102 -2.74 2.17 -8.48
N ASP A 103 -2.41 1.11 -9.20
CA ASP A 103 -1.17 0.36 -9.03
C ASP A 103 -0.37 0.44 -10.32
N VAL A 104 0.92 0.74 -10.20
CA VAL A 104 1.84 0.77 -11.32
C VAL A 104 2.71 -0.48 -11.24
N ARG A 105 2.58 -1.35 -12.23
CA ARG A 105 3.21 -2.66 -12.26
C ARG A 105 4.42 -2.66 -13.19
N ASN A 106 5.45 -3.41 -12.76
CA ASN A 106 6.72 -3.71 -13.44
C ASN A 106 7.78 -2.61 -13.31
N SER A 107 7.58 -1.60 -12.45
CA SER A 107 8.58 -0.55 -12.35
C SER A 107 9.86 -1.06 -11.68
N THR A 108 9.76 -2.09 -10.83
CA THR A 108 10.95 -2.63 -10.20
C THR A 108 11.93 -3.21 -11.23
N GLY A 109 11.41 -3.74 -12.33
CA GLY A 109 12.28 -4.21 -13.39
C GLY A 109 13.19 -3.13 -13.94
N LEU A 110 12.80 -1.86 -13.76
CA LEU A 110 13.64 -0.76 -14.22
C LEU A 110 15.03 -0.81 -13.61
N PHE A 111 15.17 -1.40 -12.42
CA PHE A 111 16.48 -1.43 -11.80
C PHE A 111 17.46 -2.33 -12.53
N LYS A 112 17.00 -3.20 -13.43
CA LYS A 112 17.93 -4.06 -14.13
C LYS A 112 18.78 -3.30 -15.13
N LYS A 113 18.25 -2.19 -15.67
CA LYS A 113 18.97 -1.42 -16.68
C LYS A 113 19.20 0.05 -16.31
N PHE A 114 18.64 0.54 -15.20
CA PHE A 114 18.71 1.96 -14.90
C PHE A 114 19.15 2.18 -13.45
N ASP A 115 19.86 3.28 -13.25
CA ASP A 115 20.31 3.68 -11.93
C ASP A 115 19.16 4.32 -11.15
N PRO A 116 19.26 4.31 -9.82
CA PRO A 116 18.16 4.85 -9.00
C PRO A 116 17.64 6.22 -9.41
N ASP A 117 18.50 7.15 -9.83
CA ASP A 117 18.01 8.48 -10.17
C ASP A 117 17.12 8.46 -11.41
N VAL A 118 17.47 7.64 -12.40
CA VAL A 118 16.65 7.55 -13.60
C VAL A 118 15.34 6.85 -13.28
N VAL A 119 15.38 5.80 -12.46
CA VAL A 119 14.17 5.12 -12.03
C VAL A 119 13.25 6.09 -11.30
N ALA A 120 13.83 6.90 -10.41
CA ALA A 120 13.05 7.91 -9.70
C ALA A 120 12.41 8.89 -10.66
N ASN A 121 13.17 9.37 -11.65
CA ASN A 121 12.59 10.33 -12.59
C ASN A 121 11.43 9.70 -13.38
N ILE A 122 11.61 8.47 -13.86
CA ILE A 122 10.55 7.82 -14.62
C ILE A 122 9.31 7.61 -13.76
N CYS A 123 9.48 7.02 -12.58
CA CYS A 123 8.33 6.67 -11.75
C CYS A 123 7.63 7.91 -11.22
N ARG A 124 8.37 8.90 -10.79
CA ARG A 124 7.74 10.11 -10.30
C ARG A 124 7.10 10.89 -11.44
N THR A 125 7.60 10.77 -12.68
CA THR A 125 6.90 11.38 -13.81
C THR A 125 5.55 10.70 -14.05
N ILE A 126 5.54 9.36 -14.07
CA ILE A 126 4.28 8.65 -14.21
C ILE A 126 3.31 9.04 -13.10
N GLN A 127 3.83 9.14 -11.88
CA GLN A 127 2.97 9.48 -10.74
C GLN A 127 2.43 10.90 -10.86
N LEU A 128 3.25 11.85 -11.33
CA LEU A 128 2.76 13.21 -11.55
C LEU A 128 1.66 13.22 -12.60
N ALA A 129 1.84 12.46 -13.69
CA ALA A 129 0.79 12.37 -14.70
C ALA A 129 -0.50 11.86 -14.09
N THR A 130 -0.40 10.85 -13.21
CA THR A 130 -1.58 10.29 -12.57
C THR A 130 -2.24 11.30 -11.63
N ILE A 131 -1.43 12.01 -10.85
CA ILE A 131 -1.95 13.00 -9.92
C ILE A 131 -2.69 14.11 -10.67
N HIS A 132 -2.08 14.61 -11.75
CA HIS A 132 -2.72 15.67 -12.51
C HIS A 132 -3.98 15.19 -13.19
N THR A 133 -4.00 13.94 -13.68
CA THR A 133 -5.23 13.38 -14.23
C THR A 133 -6.33 13.38 -13.16
N CYS A 134 -6.01 12.90 -11.96
CA CYS A 134 -7.01 12.86 -10.90
C CYS A 134 -7.50 14.26 -10.54
N TRP A 135 -6.58 15.21 -10.43
CA TRP A 135 -6.95 16.59 -10.13
C TRP A 135 -7.87 17.17 -11.20
N TYR A 136 -7.59 16.88 -12.47
CA TYR A 136 -8.40 17.40 -13.56
C TYR A 136 -9.87 17.02 -13.37
N PHE A 137 -10.12 15.81 -12.87
CA PHE A 137 -11.48 15.33 -12.64
C PHE A 137 -11.90 15.42 -11.18
N ASP A 138 -11.37 16.41 -10.45
CA ASP A 138 -11.82 16.72 -9.08
C ASP A 138 -11.63 15.56 -8.12
N GLY A 139 -10.58 14.77 -8.30
CA GLY A 139 -10.25 13.74 -7.35
C GLY A 139 -9.34 14.28 -6.26
N TYR A 140 -9.51 13.73 -5.05
CA TYR A 140 -8.62 14.05 -3.94
C TYR A 140 -7.62 12.92 -3.78
N VAL A 141 -6.33 13.25 -3.92
CA VAL A 141 -5.26 12.28 -3.74
C VAL A 141 -5.03 12.09 -2.24
N HIS A 142 -5.40 10.92 -1.73
CA HIS A 142 -5.35 10.64 -0.31
C HIS A 142 -3.99 10.12 0.13
N ARG A 143 -3.34 9.29 -0.69
CA ARG A 143 -2.13 8.60 -0.28
C ARG A 143 -1.26 8.34 -1.50
N LEU A 144 0.05 8.49 -1.34
CA LEU A 144 1.02 8.12 -2.36
C LEU A 144 1.66 6.80 -1.95
N GLN A 145 1.52 5.80 -2.81
CA GLN A 145 2.37 4.61 -2.72
C GLN A 145 3.65 4.83 -3.51
N GLY A 146 4.61 3.92 -3.34
CA GLY A 146 5.75 3.93 -4.23
C GLY A 146 5.34 3.58 -5.65
N ASP A 147 4.43 2.63 -5.80
CA ASP A 147 3.96 2.14 -7.09
C ASP A 147 2.46 2.41 -7.31
N GLY A 148 1.96 3.54 -6.84
CA GLY A 148 0.58 3.88 -7.12
C GLY A 148 0.03 4.95 -6.21
N LEU A 149 -1.29 5.12 -6.29
CA LEU A 149 -2.03 6.15 -5.56
C LEU A 149 -3.30 5.57 -4.97
N MET A 150 -3.77 6.23 -3.92
CA MET A 150 -5.12 6.03 -3.40
C MET A 150 -5.84 7.36 -3.54
N VAL A 151 -7.00 7.34 -4.22
CA VAL A 151 -7.73 8.54 -4.59
C VAL A 151 -9.18 8.40 -4.17
N TYR A 152 -9.75 9.48 -3.63
CA TYR A 152 -11.18 9.55 -3.36
C TYR A 152 -11.84 10.45 -4.38
N PHE A 153 -13.04 10.08 -4.82
CA PHE A 153 -13.88 10.92 -5.65
C PHE A 153 -15.21 11.14 -4.93
N GLY A 154 -15.68 12.37 -4.96
CA GLY A 154 -16.88 12.75 -4.25
C GLY A 154 -16.54 13.59 -3.03
N GLY A 155 -17.60 14.02 -2.36
CA GLY A 155 -17.45 14.90 -1.23
C GLY A 155 -18.77 15.61 -0.96
N LYS A 156 -18.72 16.55 -0.03
CA LYS A 156 -19.94 17.20 0.43
C LYS A 156 -20.55 18.11 -0.63
N GLY A 157 -19.78 18.59 -1.59
CA GLY A 157 -20.32 19.42 -2.64
C GLY A 157 -20.37 18.75 -3.99
N THR A 158 -20.40 17.41 -4.00
CA THR A 158 -20.37 16.63 -5.22
C THR A 158 -21.48 15.60 -5.21
N THR A 159 -22.19 15.47 -6.32
CA THR A 159 -23.21 14.42 -6.45
C THR A 159 -22.55 13.07 -6.68
N LYS A 160 -23.24 12.01 -6.24
CA LYS A 160 -22.74 10.66 -6.43
C LYS A 160 -22.51 10.34 -7.90
N GLN A 161 -23.43 10.79 -8.77
CA GLN A 161 -23.27 10.59 -10.20
C GLN A 161 -22.01 11.29 -10.71
N LYS A 162 -21.80 12.55 -10.28
CA LYS A 162 -20.61 13.27 -10.69
C LYS A 162 -19.35 12.58 -10.18
N ALA A 163 -19.38 12.10 -8.94
CA ALA A 163 -18.23 11.36 -8.40
C ALA A 163 -17.89 10.16 -9.26
N VAL A 164 -18.91 9.36 -9.62
CA VAL A 164 -18.65 8.17 -10.42
C VAL A 164 -18.14 8.55 -11.81
N ASP A 165 -18.76 9.55 -12.44
CA ASP A 165 -18.30 9.98 -13.77
C ASP A 165 -16.86 10.46 -13.72
N ASN A 166 -16.52 11.26 -12.72
CA ASN A 166 -15.16 11.75 -12.55
C ASN A 166 -14.19 10.58 -12.39
N ALA A 167 -14.55 9.61 -11.55
CA ALA A 167 -13.64 8.49 -11.31
C ALA A 167 -13.43 7.67 -12.57
N LEU A 168 -14.52 7.40 -13.31
CA LEU A 168 -14.39 6.63 -14.54
C LEU A 168 -13.54 7.36 -15.57
N MET A 169 -13.72 8.68 -15.68
CA MET A 169 -12.92 9.43 -16.65
C MET A 169 -11.46 9.46 -16.25
N ALA A 170 -11.17 9.67 -14.96
CA ALA A 170 -9.79 9.67 -14.50
C ALA A 170 -9.13 8.32 -14.71
N ALA A 171 -9.84 7.23 -14.40
CA ALA A 171 -9.30 5.89 -14.61
C ALA A 171 -9.01 5.65 -16.09
N SER A 172 -9.95 6.05 -16.96
CA SER A 172 -9.74 5.89 -18.40
C SER A 172 -8.50 6.64 -18.86
N PHE A 173 -8.33 7.89 -18.39
CA PHE A 173 -7.21 8.70 -18.85
C PHE A 173 -5.88 8.20 -18.30
N ILE A 174 -5.83 7.78 -17.05
CA ILE A 174 -4.60 7.19 -16.51
C ILE A 174 -4.19 5.98 -17.33
N SER A 175 -5.17 5.09 -17.59
CA SER A 175 -4.88 3.90 -18.39
C SER A 175 -4.44 4.28 -19.79
N TYR A 176 -5.06 5.30 -20.38
CA TYR A 176 -4.67 5.74 -21.72
C TYR A 176 -3.23 6.21 -21.74
N PHE A 177 -2.86 7.07 -20.78
CA PHE A 177 -1.50 7.58 -20.73
C PHE A 177 -0.49 6.44 -20.63
N VAL A 178 -0.74 5.50 -19.72
CA VAL A 178 0.28 4.47 -19.49
C VAL A 178 0.32 3.48 -20.65
N LYS A 179 -0.84 3.16 -21.21
CA LYS A 179 -0.91 2.15 -22.28
C LYS A 179 -0.46 2.72 -23.62
N ASN A 180 -0.97 3.90 -24.00
CA ASN A 180 -0.79 4.43 -25.34
C ASN A 180 0.34 5.45 -25.43
N ASP A 181 0.31 6.49 -24.60
CA ASP A 181 1.33 7.54 -24.70
C ASP A 181 2.72 7.03 -24.33
N LEU A 182 2.81 5.90 -23.62
CA LEU A 182 4.09 5.28 -23.30
C LEU A 182 4.34 4.00 -24.10
N LYS A 183 3.63 3.83 -25.22
CA LYS A 183 3.75 2.61 -26.02
C LYS A 183 5.20 2.33 -26.42
N ASN A 184 5.62 1.09 -26.19
CA ASN A 184 6.86 0.53 -26.71
C ASN A 184 8.10 1.10 -26.03
N LEU A 185 7.96 2.23 -25.34
CA LEU A 185 9.12 2.92 -24.78
C LEU A 185 9.94 2.01 -23.88
N PHE A 186 9.26 1.25 -23.01
CA PHE A 186 9.99 0.38 -22.09
C PHE A 186 10.52 -0.85 -22.81
N GLU A 187 9.74 -1.43 -23.72
CA GLU A 187 10.20 -2.59 -24.46
C GLU A 187 11.40 -2.24 -25.33
N GLU A 188 11.37 -1.08 -26.00
CA GLU A 188 12.50 -0.64 -26.82
C GLU A 188 13.80 -0.56 -26.03
N GLN A 189 13.73 -0.40 -24.71
CA GLN A 189 14.92 -0.23 -23.90
C GLN A 189 15.34 -1.50 -23.19
N GLY A 190 14.68 -2.62 -23.48
CA GLY A 190 15.09 -3.88 -22.90
C GLY A 190 14.64 -4.09 -21.47
N VAL A 191 13.58 -3.41 -21.04
CA VAL A 191 13.02 -3.60 -19.71
C VAL A 191 11.56 -4.00 -19.88
N SER A 192 11.01 -4.59 -18.81
CA SER A 192 9.62 -5.02 -18.85
C SER A 192 8.69 -3.83 -19.02
N ARG A 193 7.59 -4.07 -19.73
CA ARG A 193 6.61 -3.01 -19.93
C ARG A 193 5.92 -2.65 -18.62
N ILE A 194 5.77 -1.36 -18.38
CA ILE A 194 5.11 -0.88 -17.18
C ILE A 194 3.64 -0.68 -17.53
N TYR A 195 2.75 -1.15 -16.65
CA TYR A 195 1.32 -1.02 -16.93
C TYR A 195 0.59 -0.69 -15.65
N THR A 196 -0.68 -0.31 -15.77
CA THR A 196 -1.45 0.04 -14.59
C THR A 196 -2.56 -0.98 -14.32
N ARG A 197 -3.00 -0.99 -13.07
CA ARG A 197 -4.20 -1.69 -12.64
C ARG A 197 -4.97 -0.76 -11.73
N ILE A 198 -6.26 -0.59 -11.99
CA ILE A 198 -7.08 0.33 -11.22
C ILE A 198 -8.29 -0.41 -10.67
N GLY A 199 -8.52 -0.26 -9.39
CA GLY A 199 -9.74 -0.76 -8.75
C GLY A 199 -10.60 0.40 -8.29
N LEU A 200 -11.90 0.29 -8.56
CA LEU A 200 -12.85 1.37 -8.31
C LEU A 200 -14.08 0.81 -7.61
N ASP A 201 -14.54 1.49 -6.58
CA ASP A 201 -15.78 1.07 -5.95
C ASP A 201 -16.51 2.28 -5.38
N PHE A 202 -17.82 2.12 -5.23
CA PHE A 202 -18.67 3.13 -4.62
C PHE A 202 -19.21 2.59 -3.30
N GLY A 203 -19.07 3.38 -2.24
CA GLY A 203 -19.72 3.07 -0.98
C GLY A 203 -20.68 4.16 -0.58
N ASP A 204 -21.88 3.78 -0.15
CA ASP A 204 -22.89 4.75 0.24
C ASP A 204 -22.62 5.24 1.66
N ASP A 205 -23.37 6.29 2.04
CA ASP A 205 -23.17 6.94 3.32
C ASP A 205 -23.16 5.95 4.48
N GLU A 206 -24.19 5.09 4.55
CA GLU A 206 -24.33 4.18 5.69
C GLU A 206 -23.19 3.15 5.76
N ASP A 207 -22.45 2.96 4.67
CA ASP A 207 -21.40 1.96 4.61
C ASP A 207 -19.99 2.56 4.60
N THR A 208 -19.86 3.87 4.75
CA THR A 208 -18.58 4.55 4.61
C THR A 208 -18.35 5.44 5.84
N LEU A 209 -17.46 5.01 6.72
CA LEU A 209 -17.21 5.74 7.96
C LEU A 209 -15.90 6.52 7.84
N TRP A 210 -15.98 7.84 7.91
CA TRP A 210 -14.80 8.70 7.94
C TRP A 210 -14.36 8.93 9.39
N HIS A 211 -13.07 8.79 9.65
CA HIS A 211 -12.59 8.89 11.02
C HIS A 211 -11.08 9.10 11.03
N ASN A 212 -10.57 9.37 12.23
CA ASN A 212 -9.14 9.46 12.48
C ASN A 212 -8.55 8.08 12.69
N ALA A 213 -7.32 7.91 12.22
CA ALA A 213 -6.56 6.69 12.45
C ALA A 213 -5.12 7.07 12.77
N GLY A 214 -4.55 6.40 13.77
CA GLY A 214 -3.19 6.66 14.18
C GLY A 214 -3.08 7.54 15.41
N ILE A 215 -1.89 8.11 15.57
CA ILE A 215 -1.55 8.80 16.81
C ILE A 215 -0.61 9.95 16.47
N GLY A 216 -0.80 11.08 17.14
CA GLY A 216 0.03 12.26 16.90
C GLY A 216 -0.03 12.68 15.45
N GLU A 217 1.14 12.99 14.87
CA GLU A 217 1.23 13.28 13.45
C GLU A 217 1.30 12.01 12.61
N CYS A 218 1.53 10.84 13.22
CA CYS A 218 1.50 9.56 12.55
C CYS A 218 0.03 9.12 12.45
N SER A 219 -0.72 9.86 11.64
CA SER A 219 -2.17 9.72 11.61
C SER A 219 -2.71 10.23 10.29
N GLU A 220 -3.94 9.85 10.01
CA GLU A 220 -4.66 10.33 8.84
C GLU A 220 -6.16 10.36 9.12
N VAL A 221 -6.87 11.16 8.36
CA VAL A 221 -8.32 11.05 8.26
C VAL A 221 -8.61 10.15 7.07
N THR A 222 -9.33 9.06 7.30
CA THR A 222 -9.51 8.05 6.27
C THR A 222 -10.87 7.40 6.44
N THR A 223 -11.17 6.43 5.57
CA THR A 223 -12.40 5.68 5.66
C THR A 223 -12.14 4.29 6.20
N THR A 224 -13.10 3.80 6.98
CA THR A 224 -13.32 2.37 7.16
C THR A 224 -14.61 2.06 6.42
N SER A 225 -14.50 1.20 5.41
CA SER A 225 -15.63 0.89 4.53
C SER A 225 -15.28 -0.35 3.74
N LEU A 226 -16.26 -1.26 3.65
CA LEU A 226 -16.07 -2.46 2.85
C LEU A 226 -15.69 -2.12 1.41
N HIS A 227 -16.21 -1.01 0.88
CA HIS A 227 -16.02 -0.71 -0.54
C HIS A 227 -14.66 -0.07 -0.83
N THR A 228 -14.07 0.63 0.15
CA THR A 228 -12.67 1.02 0.00
C THR A 228 -11.78 -0.22 -0.07
N SER A 229 -11.97 -1.15 0.86
CA SER A 229 -11.21 -2.40 0.86
C SER A 229 -11.41 -3.18 -0.44
N LEU A 230 -12.65 -3.24 -0.92
CA LEU A 230 -12.92 -4.00 -2.14
C LEU A 230 -12.38 -3.30 -3.37
N ALA A 231 -12.32 -1.96 -3.36
CA ALA A 231 -11.63 -1.26 -4.43
C ALA A 231 -10.18 -1.69 -4.50
N CYS A 232 -9.51 -1.79 -3.36
CA CYS A 232 -8.13 -2.28 -3.34
C CYS A 232 -8.05 -3.72 -3.89
N LYS A 233 -8.94 -4.60 -3.40
CA LYS A 233 -8.94 -5.99 -3.86
C LYS A 233 -9.13 -6.08 -5.37
N MET A 234 -10.09 -5.33 -5.90
CA MET A 234 -10.39 -5.37 -7.32
C MET A 234 -9.25 -4.78 -8.14
N GLN A 235 -8.52 -3.82 -7.56
CA GLN A 235 -7.30 -3.35 -8.20
C GLN A 235 -6.40 -4.53 -8.52
N ALA A 236 -6.27 -5.47 -7.58
CA ALA A 236 -5.46 -6.64 -7.90
C ALA A 236 -6.05 -7.54 -8.99
N GLN A 237 -7.34 -7.39 -9.32
CA GLN A 237 -8.01 -8.24 -10.30
C GLN A 237 -7.95 -7.72 -11.73
N ALA A 238 -7.37 -6.55 -11.97
CA ALA A 238 -7.47 -5.91 -13.27
C ALA A 238 -6.52 -6.54 -14.28
N GLU A 239 -6.87 -6.38 -15.56
CA GLU A 239 -6.00 -6.74 -16.67
C GLU A 239 -4.96 -5.65 -16.91
N SER A 240 -3.97 -5.98 -17.74
CA SER A 240 -2.94 -5.00 -18.09
C SER A 240 -3.55 -3.70 -18.57
N ASN A 241 -3.23 -2.60 -17.89
CA ASN A 241 -3.80 -1.29 -18.19
C ASN A 241 -5.32 -1.35 -18.13
N GLY A 242 -5.84 -2.11 -17.18
CA GLY A 242 -7.27 -2.34 -17.03
C GLY A 242 -7.84 -1.71 -15.78
N VAL A 243 -9.17 -1.64 -15.76
CA VAL A 243 -9.93 -1.10 -14.64
C VAL A 243 -11.00 -2.10 -14.26
N VAL A 244 -11.13 -2.38 -12.96
CA VAL A 244 -12.16 -3.27 -12.44
C VAL A 244 -13.00 -2.47 -11.44
N VAL A 245 -14.32 -2.56 -11.57
CA VAL A 245 -15.25 -1.80 -10.75
C VAL A 245 -16.19 -2.76 -10.03
N GLY A 246 -16.77 -2.27 -8.93
CA GLY A 246 -17.73 -3.04 -8.17
C GLY A 246 -19.16 -2.85 -8.65
N ASP A 247 -20.06 -3.69 -8.10
CA ASP A 247 -21.46 -3.66 -8.48
C ASP A 247 -22.07 -2.26 -8.32
N ASN A 248 -21.70 -1.56 -7.25
CA ASN A 248 -22.31 -0.27 -6.95
C ASN A 248 -21.98 0.81 -7.97
N ILE A 249 -20.97 0.60 -8.82
CA ILE A 249 -20.65 1.57 -9.86
C ILE A 249 -21.68 1.50 -11.00
N LEU A 250 -22.25 0.33 -11.25
CA LEU A 250 -23.05 0.14 -12.46
C LEU A 250 -24.31 0.99 -12.49
N PRO A 251 -25.14 1.06 -11.43
CA PRO A 251 -26.36 1.87 -11.52
C PRO A 251 -26.12 3.33 -11.90
N TYR A 252 -24.93 3.86 -11.61
CA TYR A 252 -24.62 5.24 -11.99
C TYR A 252 -24.19 5.36 -13.45
N LYS A 253 -24.16 4.25 -14.19
CA LYS A 253 -23.87 4.28 -15.62
C LYS A 253 -24.85 3.38 -16.37
N SER A 254 -26.12 3.41 -15.95
CA SER A 254 -27.21 2.66 -16.58
C SER A 254 -26.89 1.17 -16.72
N SER A 255 -26.13 0.63 -15.76
CA SER A 255 -25.74 -0.78 -15.72
C SER A 255 -25.31 -1.32 -17.09
N ASP A 256 -24.71 -0.45 -17.91
CA ASP A 256 -24.43 -0.75 -19.31
C ASP A 256 -23.45 -1.91 -19.49
N LYS A 257 -23.93 -3.04 -20.04
CA LYS A 257 -23.02 -4.05 -20.53
C LYS A 257 -22.26 -3.56 -21.77
N ASN A 258 -22.55 -2.34 -22.20
CA ASN A 258 -21.74 -1.67 -23.22
C ASN A 258 -20.31 -1.48 -22.73
N TYR A 259 -20.14 -1.09 -21.47
CA TYR A 259 -18.84 -0.76 -20.90
C TYR A 259 -18.38 -1.72 -19.82
N PHE A 260 -19.30 -2.42 -19.16
CA PHE A 260 -18.97 -3.27 -18.03
C PHE A 260 -19.26 -4.73 -18.36
N THR A 261 -18.30 -5.59 -18.08
CA THR A 261 -18.43 -7.03 -18.32
C THR A 261 -18.13 -7.76 -17.02
N TYR A 262 -19.10 -8.55 -16.55
CA TYR A 262 -18.92 -9.29 -15.31
C TYR A 262 -17.64 -10.13 -15.36
N LYS A 263 -16.90 -10.12 -14.26
CA LYS A 263 -15.64 -10.85 -14.19
C LYS A 263 -15.63 -11.71 -12.94
N LYS A 264 -15.19 -12.95 -13.07
CA LYS A 264 -15.07 -13.82 -11.93
C LYS A 264 -13.90 -13.37 -11.08
N TYR A 265 -13.96 -13.66 -9.78
CA TYR A 265 -12.92 -13.25 -8.86
C TYR A 265 -11.87 -14.33 -8.79
N LYS A 266 -10.64 -13.97 -9.16
CA LYS A 266 -9.54 -14.92 -9.20
C LYS A 266 -8.83 -14.95 -7.86
N LYS A 267 -8.56 -16.16 -7.37
CA LYS A 267 -7.96 -16.35 -6.05
C LYS A 267 -7.07 -17.58 -6.14
N ASN A 268 -5.76 -17.37 -6.09
CA ASN A 268 -4.76 -18.44 -6.10
C ASN A 268 -5.06 -19.50 -7.17
N GLY A 269 -5.11 -19.04 -8.42
CA GLY A 269 -5.32 -19.92 -9.55
C GLY A 269 -6.71 -20.52 -9.68
N SER A 270 -7.61 -20.27 -8.73
CA SER A 270 -9.00 -20.72 -8.81
C SER A 270 -9.90 -19.51 -9.04
N GLU A 271 -11.16 -19.77 -9.37
CA GLU A 271 -12.12 -18.70 -9.61
C GLU A 271 -13.35 -18.85 -8.72
N LEU A 272 -13.88 -17.73 -8.27
CA LEU A 272 -15.06 -17.64 -7.42
C LEU A 272 -16.03 -16.66 -8.06
N PRO A 273 -17.33 -16.79 -7.79
CA PRO A 273 -18.30 -15.91 -8.47
C PRO A 273 -18.33 -14.47 -7.94
N TYR A 274 -17.90 -14.22 -6.71
CA TYR A 274 -18.07 -12.90 -6.11
C TYR A 274 -16.79 -12.43 -5.43
N VAL A 275 -16.62 -11.11 -5.39
CA VAL A 275 -15.52 -10.51 -4.64
C VAL A 275 -15.76 -10.61 -3.14
N TYR A 276 -17.02 -10.57 -2.73
CA TYR A 276 -17.38 -10.59 -1.33
C TYR A 276 -18.77 -11.19 -1.18
N GLU A 277 -18.96 -11.97 -0.11
CA GLU A 277 -20.24 -12.60 0.13
C GLU A 277 -20.61 -12.53 1.60
N ILE A 278 -21.80 -12.01 1.88
CA ILE A 278 -22.41 -12.12 3.20
C ILE A 278 -23.76 -12.79 2.97
N PRO A 279 -23.83 -14.13 3.05
CA PRO A 279 -25.11 -14.81 2.76
C PRO A 279 -26.24 -14.37 3.69
N GLU A 280 -25.94 -14.16 4.97
CA GLU A 280 -26.96 -13.78 5.94
C GLU A 280 -27.67 -12.49 5.55
N GLU A 281 -27.02 -11.64 4.74
CA GLU A 281 -27.61 -10.41 4.25
C GLU A 281 -27.95 -10.48 2.76
N TYR A 282 -27.86 -11.67 2.18
CA TYR A 282 -28.09 -11.88 0.74
C TYR A 282 -27.21 -10.95 -0.10
N PHE A 283 -25.98 -10.76 0.35
CA PHE A 283 -25.04 -9.83 -0.27
C PHE A 283 -24.04 -10.65 -1.08
N ARG A 284 -24.08 -10.49 -2.41
CA ARG A 284 -23.16 -11.20 -3.31
C ARG A 284 -22.59 -10.15 -4.25
N TYR A 285 -21.40 -9.66 -3.96
CA TYR A 285 -20.86 -8.51 -4.66
C TYR A 285 -20.02 -8.96 -5.84
N LYS A 286 -20.39 -8.51 -7.05
CA LYS A 286 -19.69 -8.87 -8.27
C LYS A 286 -18.77 -7.74 -8.71
N GLN A 287 -17.69 -8.12 -9.38
CA GLN A 287 -16.77 -7.18 -9.99
C GLN A 287 -16.89 -7.28 -11.51
N HIS A 288 -16.50 -6.19 -12.17
CA HIS A 288 -16.71 -6.07 -13.61
C HIS A 288 -15.52 -5.38 -14.24
N ASP A 289 -15.03 -5.95 -15.34
CA ASP A 289 -14.09 -5.24 -16.19
C ASP A 289 -14.77 -4.01 -16.78
N PHE A 290 -14.08 -2.88 -16.77
CA PHE A 290 -14.55 -1.63 -17.33
C PHE A 290 -13.79 -1.36 -18.62
N ASN A 291 -14.52 -1.32 -19.73
CA ASN A 291 -13.94 -1.06 -21.05
C ASN A 291 -13.75 0.45 -21.19
N TRP A 292 -12.61 0.94 -20.69
CA TRP A 292 -12.37 2.38 -20.70
C TRP A 292 -12.05 2.89 -22.09
N GLU A 293 -11.51 2.04 -22.96
CA GLU A 293 -11.24 2.46 -24.34
C GLU A 293 -12.55 2.74 -25.08
N LYS A 294 -13.51 1.81 -25.00
CA LYS A 294 -14.83 2.06 -25.59
C LYS A 294 -15.52 3.22 -24.90
N PHE A 295 -15.28 3.39 -23.59
CA PHE A 295 -15.80 4.55 -22.87
C PHE A 295 -15.30 5.84 -23.51
N LEU A 296 -13.99 5.94 -23.73
CA LEU A 296 -13.42 7.14 -24.32
C LEU A 296 -13.89 7.35 -25.75
N LYS A 297 -13.94 6.30 -26.56
CA LYS A 297 -14.32 6.52 -27.96
C LYS A 297 -15.75 7.01 -28.08
N ASN A 298 -16.68 6.46 -27.29
CA ASN A 298 -18.10 6.74 -27.42
C ASN A 298 -18.54 7.90 -26.54
N HIS A 299 -17.68 8.92 -26.44
CA HIS A 299 -17.96 10.09 -25.62
C HIS A 299 -17.96 11.35 -26.47
N PRO A 300 -18.81 12.31 -26.13
CA PRO A 300 -18.77 13.61 -26.79
C PRO A 300 -17.38 14.23 -26.72
N GLN A 301 -16.88 14.46 -25.50
CA GLN A 301 -15.56 15.03 -25.31
C GLN A 301 -14.46 14.04 -25.68
N GLY B 1 10.17 -12.55 26.93
CA GLY B 1 10.64 -11.21 27.21
C GLY B 1 9.51 -10.20 27.35
N MET B 2 9.82 -8.94 27.04
CA MET B 2 8.84 -7.86 27.12
C MET B 2 7.54 -8.23 26.39
N GLU B 3 7.68 -8.72 25.16
CA GLU B 3 6.52 -9.01 24.30
C GLU B 3 5.46 -9.85 25.00
N GLN B 4 5.83 -10.62 26.03
CA GLN B 4 4.88 -11.54 26.63
C GLN B 4 3.75 -10.81 27.35
N LYS B 5 3.98 -9.59 27.82
CA LYS B 5 2.92 -8.86 28.50
C LYS B 5 2.64 -7.49 27.90
N LEU B 6 3.44 -7.06 26.93
CA LEU B 6 3.34 -5.70 26.42
C LEU B 6 1.97 -5.40 25.85
N TYR B 7 1.28 -6.40 25.29
CA TYR B 7 0.11 -6.18 24.45
C TYR B 7 -1.20 -6.58 25.11
N LYS B 8 -1.21 -6.80 26.43
CA LYS B 8 -2.40 -7.35 27.10
C LYS B 8 -3.62 -6.44 26.92
N ASN B 9 -3.43 -5.12 27.02
CA ASN B 9 -4.56 -4.21 26.87
C ASN B 9 -5.08 -4.21 25.43
N TYR B 10 -4.18 -4.24 24.44
CA TYR B 10 -4.61 -4.28 23.05
C TYR B 10 -5.43 -5.53 22.77
N ALA B 11 -4.98 -6.68 23.27
CA ALA B 11 -5.72 -7.92 23.08
C ALA B 11 -7.07 -7.87 23.78
N ASP B 12 -7.12 -7.32 25.01
CA ASP B 12 -8.39 -7.18 25.71
C ASP B 12 -9.34 -6.26 24.97
N ASP B 13 -8.84 -5.11 24.48
CA ASP B 13 -9.67 -4.22 23.68
C ASP B 13 -10.25 -4.94 22.49
N ILE B 14 -9.44 -5.73 21.79
CA ILE B 14 -9.92 -6.38 20.58
C ILE B 14 -10.97 -7.42 20.93
N ALA B 15 -10.78 -8.18 22.01
CA ALA B 15 -11.80 -9.13 22.44
C ALA B 15 -13.13 -8.42 22.75
N HIS B 16 -13.04 -7.31 23.49
CA HIS B 16 -14.23 -6.51 23.80
C HIS B 16 -14.92 -6.05 22.53
N TYR B 17 -14.15 -5.53 21.57
CA TYR B 17 -14.75 -5.06 20.32
C TYR B 17 -15.38 -6.22 19.55
N LEU B 18 -14.72 -7.38 19.54
CA LEU B 18 -15.24 -8.55 18.84
C LEU B 18 -16.52 -9.07 19.46
N LYS B 19 -16.80 -8.72 20.71
CA LYS B 19 -18.13 -9.06 21.23
C LYS B 19 -19.24 -8.17 20.68
N GLN B 20 -18.93 -7.17 19.86
CA GLN B 20 -19.97 -6.23 19.45
C GLN B 20 -20.44 -6.41 18.01
N GLY B 21 -20.91 -7.60 17.67
CA GLY B 21 -21.39 -7.85 16.32
C GLY B 21 -22.73 -7.19 16.05
N LYS B 22 -23.07 -7.13 14.77
CA LYS B 22 -24.32 -6.51 14.32
C LYS B 22 -25.56 -7.22 14.88
N GLY B 68 8.82 6.06 22.22
CA GLY B 68 10.12 5.98 22.85
C GLY B 68 10.71 7.33 23.21
N GLN B 69 9.98 8.40 22.87
CA GLN B 69 10.55 9.74 22.86
C GLN B 69 9.43 10.74 22.66
N ILE B 70 9.62 11.95 23.20
CA ILE B 70 8.58 12.95 23.14
C ILE B 70 8.36 13.51 21.74
N THR B 71 9.29 13.28 20.80
CA THR B 71 9.14 13.82 19.45
C THR B 71 8.63 12.80 18.45
N LYS B 72 8.55 11.52 18.82
CA LYS B 72 7.93 10.55 17.91
C LYS B 72 6.50 10.96 17.60
N TYR B 73 5.82 11.57 18.58
CA TYR B 73 4.46 12.06 18.40
C TYR B 73 4.38 13.25 17.44
N GLU B 74 5.52 13.81 17.09
CA GLU B 74 5.61 14.98 16.21
C GLU B 74 6.06 14.59 14.81
N GLU B 75 6.33 13.30 14.57
CA GLU B 75 6.83 12.81 13.30
C GLU B 75 5.67 12.61 12.32
N LYS B 76 5.63 13.43 11.28
CA LYS B 76 4.64 13.29 10.22
C LYS B 76 4.97 12.08 9.35
N LEU B 77 3.97 11.65 8.58
CA LEU B 77 4.15 10.62 7.58
C LEU B 77 4.83 11.20 6.35
N GLY B 78 5.52 10.33 5.61
CA GLY B 78 6.16 10.79 4.39
C GLY B 78 7.25 11.80 4.63
N ALA B 79 7.91 11.75 5.79
CA ALA B 79 8.88 12.77 6.15
C ALA B 79 9.87 12.25 7.18
N HIS B 80 10.67 11.25 6.80
CA HIS B 80 11.72 10.75 7.68
C HIS B 80 12.57 11.92 8.18
N PRO B 81 12.77 12.04 9.49
CA PRO B 81 13.44 13.24 10.03
C PRO B 81 14.80 13.51 9.44
N SER B 82 15.55 12.47 9.04
CA SER B 82 16.85 12.71 8.43
C SER B 82 16.75 13.30 7.03
N PHE B 83 15.58 13.25 6.39
CA PHE B 83 15.47 13.65 5.00
C PHE B 83 14.28 14.55 4.71
N SER B 84 13.53 14.98 5.74
CA SER B 84 12.32 15.76 5.52
C SER B 84 12.60 17.07 4.79
N HIS B 85 13.82 17.60 4.92
CA HIS B 85 14.18 18.84 4.25
C HIS B 85 14.12 18.74 2.73
N LEU B 86 14.07 17.53 2.17
CA LEU B 86 14.02 17.40 0.71
C LEU B 86 12.66 17.77 0.14
N LYS B 87 11.65 17.97 0.97
CA LYS B 87 10.34 18.37 0.49
C LYS B 87 10.42 19.72 -0.19
N ASN B 88 9.64 19.90 -1.26
CA ASN B 88 9.61 21.13 -2.06
C ASN B 88 10.93 21.41 -2.75
N THR B 89 11.80 20.41 -2.89
CA THR B 89 13.08 20.60 -3.56
C THR B 89 13.25 19.60 -4.68
N ASN B 90 14.27 19.87 -5.51
CA ASN B 90 14.70 18.97 -6.56
C ASN B 90 15.98 18.25 -6.17
N ASP B 91 16.26 18.14 -4.87
CA ASP B 91 17.48 17.55 -4.35
C ASP B 91 17.23 16.10 -3.94
N SER B 92 18.33 15.39 -3.72
CA SER B 92 18.27 13.98 -3.38
C SER B 92 19.56 13.60 -2.66
N GLU B 93 19.49 12.52 -1.89
CA GLU B 93 20.61 12.09 -1.07
C GLU B 93 20.70 10.56 -1.09
N TYR B 94 21.92 10.04 -1.15
CA TYR B 94 22.15 8.60 -1.06
C TYR B 94 22.46 8.25 0.39
N HIS B 95 21.69 7.32 0.97
CA HIS B 95 21.86 6.97 2.37
C HIS B 95 21.16 5.65 2.64
N TYR B 96 21.83 4.74 3.35
CA TYR B 96 21.30 3.42 3.62
C TYR B 96 19.97 3.51 4.37
N ILE B 97 19.19 2.43 4.30
CA ILE B 97 18.02 2.30 5.14
C ILE B 97 17.57 0.85 5.19
N VAL B 98 16.88 0.48 6.26
CA VAL B 98 16.13 -0.78 6.35
C VAL B 98 14.68 -0.45 6.04
N SER B 99 14.14 -1.10 5.02
CA SER B 99 12.74 -0.94 4.63
C SER B 99 11.93 -2.13 5.13
N MET B 100 10.81 -1.84 5.80
CA MET B 100 9.93 -2.86 6.34
C MET B 100 8.50 -2.59 5.88
N PHE B 101 7.86 -3.61 5.32
CA PHE B 101 6.45 -3.55 4.98
C PHE B 101 5.70 -4.53 5.86
N VAL B 102 4.66 -4.04 6.55
CA VAL B 102 3.83 -4.84 7.44
C VAL B 102 2.42 -4.86 6.84
N ASP B 103 1.91 -6.05 6.60
CA ASP B 103 0.60 -6.29 6.01
C ASP B 103 -0.26 -7.04 7.00
N VAL B 104 -1.50 -6.59 7.17
CA VAL B 104 -2.48 -7.29 8.00
C VAL B 104 -3.50 -7.93 7.06
N ARG B 105 -3.56 -9.25 7.04
CA ARG B 105 -4.43 -9.98 6.13
C ARG B 105 -5.64 -10.54 6.87
N ASN B 106 -6.78 -10.55 6.15
CA ASN B 106 -8.10 -11.06 6.52
C ASN B 106 -8.93 -10.06 7.32
N SER B 107 -8.49 -8.81 7.45
CA SER B 107 -9.27 -7.84 8.21
C SER B 107 -10.54 -7.44 7.46
N THR B 108 -10.54 -7.54 6.12
CA THR B 108 -11.75 -7.26 5.36
C THR B 108 -12.88 -8.23 5.73
N GLY B 109 -12.54 -9.46 6.11
CA GLY B 109 -13.54 -10.39 6.58
C GLY B 109 -14.33 -9.89 7.78
N LEU B 110 -13.77 -8.92 8.52
CA LEU B 110 -14.50 -8.36 9.65
C LEU B 110 -15.83 -7.76 9.23
N PHE B 111 -15.94 -7.32 7.97
CA PHE B 111 -17.21 -6.71 7.56
C PHE B 111 -18.35 -7.72 7.49
N LYS B 112 -18.07 -9.02 7.52
CA LYS B 112 -19.16 -9.98 7.45
C LYS B 112 -20.01 -9.97 8.72
N LYS B 113 -19.41 -9.60 9.87
CA LYS B 113 -20.14 -9.63 11.13
C LYS B 113 -20.19 -8.30 11.88
N PHE B 114 -19.46 -7.27 11.43
CA PHE B 114 -19.31 -6.06 12.22
C PHE B 114 -19.57 -4.81 11.39
N ASP B 115 -20.07 -3.78 12.07
CA ASP B 115 -20.32 -2.48 11.46
C ASP B 115 -19.00 -1.72 11.30
N PRO B 116 -18.95 -0.75 10.40
CA PRO B 116 -17.70 0.00 10.18
C PRO B 116 -17.05 0.54 11.45
N ASP B 117 -17.81 1.01 12.44
CA ASP B 117 -17.18 1.60 13.62
C ASP B 117 -16.42 0.54 14.43
N VAL B 118 -16.98 -0.68 14.54
CA VAL B 118 -16.30 -1.73 15.26
C VAL B 118 -15.07 -2.21 14.48
N VAL B 119 -15.20 -2.33 13.16
CA VAL B 119 -14.05 -2.70 12.34
C VAL B 119 -12.93 -1.67 12.51
N ALA B 120 -13.30 -0.40 12.51
CA ALA B 120 -12.33 0.67 12.71
C ALA B 120 -11.66 0.56 14.07
N ASN B 121 -12.45 0.29 15.12
CA ASN B 121 -11.86 0.18 16.45
C ASN B 121 -10.86 -0.98 16.51
N ILE B 122 -11.23 -2.13 15.93
CA ILE B 122 -10.33 -3.29 15.93
C ILE B 122 -9.05 -2.97 15.15
N CYS B 123 -9.19 -2.45 13.94
CA CYS B 123 -8.03 -2.25 13.08
C CYS B 123 -7.13 -1.14 13.64
N ARG B 124 -7.73 -0.08 14.21
CA ARG B 124 -6.95 0.97 14.82
C ARG B 124 -6.21 0.48 16.06
N THR B 125 -6.78 -0.50 16.79
CA THR B 125 -6.06 -1.07 17.93
C THR B 125 -4.83 -1.85 17.46
N ILE B 126 -5.01 -2.69 16.44
CA ILE B 126 -3.85 -3.39 15.88
C ILE B 126 -2.81 -2.39 15.40
N GLN B 127 -3.26 -1.33 14.73
CA GLN B 127 -2.37 -0.33 14.17
C GLN B 127 -1.60 0.41 15.26
N LEU B 128 -2.28 0.75 16.36
CA LEU B 128 -1.65 1.43 17.48
C LEU B 128 -0.58 0.57 18.12
N ALA B 129 -0.90 -0.71 18.33
CA ALA B 129 0.11 -1.62 18.87
C ALA B 129 1.33 -1.68 17.95
N THR B 130 1.10 -1.70 16.64
CA THR B 130 2.21 -1.78 15.68
C THR B 130 3.05 -0.50 15.70
N ILE B 131 2.39 0.66 15.74
CA ILE B 131 3.11 1.93 15.77
C ILE B 131 3.96 2.04 17.02
N HIS B 132 3.39 1.69 18.18
CA HIS B 132 4.15 1.76 19.42
C HIS B 132 5.31 0.79 19.42
N THR B 133 5.10 -0.41 18.86
CA THR B 133 6.21 -1.36 18.72
C THR B 133 7.34 -0.76 17.91
N CYS B 134 7.01 -0.18 16.75
CA CYS B 134 8.04 0.39 15.89
C CYS B 134 8.77 1.53 16.58
N TRP B 135 8.02 2.39 17.28
CA TRP B 135 8.65 3.50 17.99
C TRP B 135 9.60 2.99 19.07
N TYR B 136 9.19 1.93 19.80
CA TYR B 136 10.06 1.38 20.84
C TYR B 136 11.43 1.00 20.26
N PHE B 137 11.45 0.44 19.05
CA PHE B 137 12.70 0.05 18.41
C PHE B 137 13.16 1.09 17.40
N ASP B 138 12.84 2.37 17.63
CA ASP B 138 13.39 3.49 16.88
C ASP B 138 13.06 3.39 15.39
N GLY B 139 11.89 2.88 15.06
CA GLY B 139 11.43 2.90 13.69
C GLY B 139 10.68 4.17 13.37
N TYR B 140 10.84 4.63 12.15
CA TYR B 140 10.08 5.78 11.64
C TYR B 140 8.95 5.23 10.78
N VAL B 141 7.71 5.54 11.17
CA VAL B 141 6.53 5.12 10.40
C VAL B 141 6.34 6.09 9.24
N HIS B 142 6.57 5.60 8.02
CA HIS B 142 6.55 6.40 6.80
C HIS B 142 5.16 6.51 6.18
N ARG B 143 4.37 5.44 6.23
CA ARG B 143 3.09 5.42 5.55
C ARG B 143 2.13 4.52 6.31
N LEU B 144 0.87 4.95 6.40
CA LEU B 144 -0.22 4.16 6.95
C LEU B 144 -1.14 3.72 5.81
N GLN B 145 -1.27 2.40 5.63
CA GLN B 145 -2.34 1.85 4.82
C GLN B 145 -3.55 1.55 5.70
N GLY B 146 -4.66 1.19 5.04
CA GLY B 146 -5.78 0.64 5.79
C GLY B 146 -5.42 -0.69 6.43
N ASP B 147 -4.66 -1.51 5.72
CA ASP B 147 -4.29 -2.84 6.20
C ASP B 147 -2.79 -3.02 6.39
N GLY B 148 -2.06 -1.99 6.80
CA GLY B 148 -0.66 -2.17 7.12
C GLY B 148 0.11 -0.86 7.20
N LEU B 149 1.43 -1.01 7.34
CA LEU B 149 2.33 0.10 7.52
C LEU B 149 3.58 -0.10 6.68
N MET B 150 4.24 1.01 6.37
CA MET B 150 5.58 1.03 5.82
C MET B 150 6.48 1.74 6.82
N VAL B 151 7.56 1.09 7.24
CA VAL B 151 8.41 1.58 8.32
C VAL B 151 9.86 1.58 7.84
N TYR B 152 10.59 2.65 8.16
CA TYR B 152 12.02 2.71 7.93
C TYR B 152 12.77 2.55 9.24
N PHE B 153 13.86 1.81 9.21
CA PHE B 153 14.76 1.71 10.35
C PHE B 153 16.14 2.21 9.92
N GLY B 154 16.76 3.00 10.77
CA GLY B 154 18.02 3.63 10.45
C GLY B 154 17.83 5.11 10.17
N GLY B 155 18.95 5.76 9.88
CA GLY B 155 18.95 7.19 9.68
C GLY B 155 20.35 7.75 9.85
N LYS B 156 20.44 9.08 9.84
CA LYS B 156 21.75 9.72 9.81
C LYS B 156 22.53 9.55 11.11
N GLY B 157 21.87 9.32 12.24
CA GLY B 157 22.63 9.11 13.46
C GLY B 157 22.60 7.69 14.00
N THR B 158 22.36 6.71 13.12
CA THR B 158 22.19 5.32 13.53
C THR B 158 23.10 4.42 12.70
N THR B 159 23.76 3.48 13.35
CA THR B 159 24.59 2.51 12.64
C THR B 159 23.71 1.52 11.89
N LYS B 160 24.26 1.00 10.79
CA LYS B 160 23.55 0.00 9.98
C LYS B 160 23.20 -1.23 10.81
N GLN B 161 24.13 -1.67 11.67
CA GLN B 161 23.89 -2.82 12.55
C GLN B 161 22.71 -2.56 13.48
N LYS B 162 22.68 -1.37 14.10
CA LYS B 162 21.59 -1.04 15.00
C LYS B 162 20.26 -1.00 14.25
N ALA B 163 20.27 -0.45 13.04
CA ALA B 163 19.06 -0.41 12.21
C ALA B 163 18.53 -1.82 11.97
N VAL B 164 19.42 -2.75 11.59
CA VAL B 164 18.97 -4.11 11.32
C VAL B 164 18.45 -4.77 12.59
N ASP B 165 19.16 -4.61 13.71
CA ASP B 165 18.71 -5.21 14.97
C ASP B 165 17.33 -4.69 15.37
N ASN B 166 17.15 -3.36 15.27
CA ASN B 166 15.86 -2.76 15.59
C ASN B 166 14.76 -3.34 14.72
N ALA B 167 15.00 -3.45 13.42
CA ALA B 167 13.97 -3.94 12.52
C ALA B 167 13.62 -5.40 12.82
N LEU B 168 14.62 -6.23 13.07
CA LEU B 168 14.34 -7.64 13.37
C LEU B 168 13.53 -7.78 14.65
N MET B 169 13.87 -7.00 15.67
CA MET B 169 13.12 -7.08 16.93
C MET B 169 11.70 -6.56 16.77
N ALA B 170 11.52 -5.45 16.04
CA ALA B 170 10.18 -4.93 15.82
C ALA B 170 9.32 -5.94 15.05
N ALA B 171 9.88 -6.54 13.99
CA ALA B 171 9.14 -7.53 13.23
C ALA B 171 8.75 -8.70 14.11
N SER B 172 9.69 -9.17 14.96
CA SER B 172 9.38 -10.28 15.86
C SER B 172 8.26 -9.92 16.81
N PHE B 173 8.28 -8.70 17.38
CA PHE B 173 7.26 -8.32 18.36
C PHE B 173 5.89 -8.18 17.72
N ILE B 174 5.82 -7.57 16.52
CA ILE B 174 4.56 -7.44 15.82
C ILE B 174 3.97 -8.82 15.51
N SER B 175 4.82 -9.71 14.98
CA SER B 175 4.36 -11.05 14.66
C SER B 175 3.91 -11.78 15.92
N TYR B 176 4.63 -11.60 17.02
CA TYR B 176 4.24 -12.22 18.28
C TYR B 176 2.86 -11.75 18.71
N PHE B 177 2.65 -10.42 18.68
CA PHE B 177 1.36 -9.87 19.08
C PHE B 177 0.22 -10.49 18.28
N VAL B 178 0.34 -10.49 16.96
CA VAL B 178 -0.81 -10.94 16.18
C VAL B 178 -0.98 -12.45 16.26
N LYS B 179 0.11 -13.20 16.28
CA LYS B 179 -0.02 -14.66 16.26
C LYS B 179 -0.48 -15.19 17.61
N ASN B 180 0.10 -14.71 18.71
CA ASN B 180 -0.12 -15.31 20.01
C ASN B 180 -1.17 -14.57 20.84
N ASP B 181 -1.02 -13.26 21.03
CA ASP B 181 -1.96 -12.54 21.87
C ASP B 181 -3.35 -12.42 21.25
N LEU B 182 -3.48 -12.53 19.92
CA LEU B 182 -4.78 -12.49 19.30
C LEU B 182 -5.25 -13.88 18.86
N LYS B 183 -4.58 -14.92 19.32
CA LYS B 183 -4.95 -16.29 18.94
C LYS B 183 -6.40 -16.57 19.29
N ASN B 184 -7.13 -17.13 18.33
CA ASN B 184 -8.48 -17.68 18.52
C ASN B 184 -9.54 -16.59 18.70
N LEU B 185 -9.12 -15.35 19.00
CA LEU B 185 -10.10 -14.30 19.32
C LEU B 185 -11.07 -14.07 18.18
N PHE B 186 -10.58 -14.03 16.95
CA PHE B 186 -11.46 -13.75 15.81
C PHE B 186 -12.35 -14.94 15.50
N GLU B 187 -11.80 -16.16 15.58
CA GLU B 187 -12.59 -17.34 15.28
C GLU B 187 -13.74 -17.52 16.28
N GLU B 188 -13.50 -17.23 17.56
CA GLU B 188 -14.57 -17.33 18.56
C GLU B 188 -15.80 -16.53 18.17
N GLN B 189 -15.61 -15.45 17.41
CA GLN B 189 -16.70 -14.56 17.04
C GLN B 189 -17.18 -14.75 15.62
N GLY B 190 -16.74 -15.81 14.95
CA GLY B 190 -17.26 -16.11 13.63
C GLY B 190 -16.66 -15.34 12.48
N VAL B 191 -15.44 -14.83 12.63
CA VAL B 191 -14.75 -14.20 11.50
C VAL B 191 -13.43 -14.93 11.27
N SER B 192 -12.90 -14.77 10.06
CA SER B 192 -11.66 -15.42 9.69
C SER B 192 -10.48 -14.91 10.52
N ARG B 193 -9.52 -15.80 10.73
CA ARG B 193 -8.32 -15.46 11.49
C ARG B 193 -7.50 -14.42 10.75
N ILE B 194 -7.06 -13.41 11.49
CA ILE B 194 -6.24 -12.32 10.97
C ILE B 194 -4.78 -12.64 11.22
N TYR B 195 -3.92 -12.37 10.23
CA TYR B 195 -2.50 -12.65 10.43
C TYR B 195 -1.67 -11.56 9.77
N THR B 196 -0.38 -11.52 10.08
CA THR B 196 0.49 -10.52 9.49
C THR B 196 1.45 -11.15 8.50
N ARG B 197 1.97 -10.31 7.61
CA ARG B 197 3.07 -10.67 6.73
C ARG B 197 4.03 -9.50 6.70
N ILE B 198 5.31 -9.75 6.93
CA ILE B 198 6.31 -8.68 6.97
C ILE B 198 7.41 -8.99 5.98
N GLY B 199 7.75 -8.00 5.17
CA GLY B 199 8.92 -8.05 4.30
C GLY B 199 9.95 -7.04 4.78
N LEU B 200 11.21 -7.46 4.84
CA LEU B 200 12.30 -6.67 5.39
C LEU B 200 13.50 -6.71 4.45
N ASP B 201 14.11 -5.55 4.21
CA ASP B 201 15.33 -5.56 3.41
C ASP B 201 16.24 -4.40 3.84
N PHE B 202 17.53 -4.58 3.58
CA PHE B 202 18.55 -3.57 3.82
C PHE B 202 19.09 -3.07 2.50
N GLY B 203 19.15 -1.75 2.33
CA GLY B 203 19.84 -1.16 1.20
C GLY B 203 20.96 -0.24 1.66
N ASP B 204 22.12 -0.36 1.03
CA ASP B 204 23.27 0.47 1.40
C ASP B 204 23.16 1.85 0.74
N ASP B 205 24.08 2.74 1.14
CA ASP B 205 24.03 4.14 0.74
C ASP B 205 23.86 4.32 -0.77
N GLU B 206 24.77 3.72 -1.54
CA GLU B 206 24.79 3.94 -2.98
C GLU B 206 23.56 3.39 -3.71
N ASP B 207 22.78 2.51 -3.08
CA ASP B 207 21.63 1.89 -3.70
C ASP B 207 20.30 2.45 -3.19
N THR B 208 20.34 3.49 -2.38
CA THR B 208 19.14 4.02 -1.73
C THR B 208 19.09 5.53 -1.96
N LEU B 209 18.19 5.98 -2.82
CA LEU B 209 18.09 7.40 -3.16
C LEU B 209 16.88 8.01 -2.46
N TRP B 210 17.12 8.94 -1.55
CA TRP B 210 16.07 9.71 -0.89
C TRP B 210 15.77 10.95 -1.74
N HIS B 211 14.48 11.22 -1.95
CA HIS B 211 14.09 12.33 -2.80
C HIS B 211 12.63 12.67 -2.53
N ASN B 212 12.22 13.81 -3.08
CA ASN B 212 10.83 14.21 -3.02
C ASN B 212 10.02 13.50 -4.10
N ALA B 213 8.76 13.23 -3.79
CA ALA B 213 7.82 12.62 -4.72
C ALA B 213 6.52 13.38 -4.61
N GLY B 214 5.89 13.63 -5.75
CA GLY B 214 4.66 14.38 -5.77
C GLY B 214 4.94 15.83 -6.01
N ILE B 215 3.97 16.67 -5.64
CA ILE B 215 4.07 18.10 -5.89
C ILE B 215 3.29 18.84 -4.83
N GLY B 216 3.81 19.99 -4.41
CA GLY B 216 3.17 20.81 -3.39
C GLY B 216 3.01 20.05 -2.09
N GLU B 217 1.81 20.16 -1.50
CA GLU B 217 1.51 19.40 -0.29
C GLU B 217 1.12 17.96 -0.61
N CYS B 218 0.82 17.67 -1.88
CA CYS B 218 0.53 16.31 -2.34
C CYS B 218 1.86 15.61 -2.62
N SER B 219 2.60 15.35 -1.54
CA SER B 219 3.99 14.94 -1.71
C SER B 219 4.44 14.16 -0.49
N GLU B 220 5.54 13.43 -0.68
CA GLU B 220 6.22 12.77 0.43
C GLU B 220 7.70 12.73 0.10
N VAL B 221 8.54 12.66 1.12
CA VAL B 221 9.94 12.33 0.93
C VAL B 221 10.08 10.84 1.12
N THR B 222 10.65 10.16 0.12
CA THR B 222 10.65 8.71 0.09
C THR B 222 11.93 8.23 -0.57
N THR B 223 12.07 6.91 -0.66
CA THR B 223 13.21 6.28 -1.31
C THR B 223 12.81 5.70 -2.67
N THR B 224 13.74 5.81 -3.60
CA THR B 224 13.80 4.94 -4.77
C THR B 224 14.99 4.03 -4.54
N SER B 225 14.72 2.73 -4.44
CA SER B 225 15.75 1.78 -4.09
C SER B 225 15.23 0.39 -4.40
N LEU B 226 16.09 -0.42 -5.02
CA LEU B 226 15.71 -1.80 -5.28
C LEU B 226 15.26 -2.50 -3.99
N HIS B 227 15.89 -2.17 -2.86
CA HIS B 227 15.64 -2.93 -1.64
C HIS B 227 14.35 -2.51 -0.92
N THR B 228 13.90 -1.26 -1.08
CA THR B 228 12.55 -0.91 -0.63
C THR B 228 11.49 -1.71 -1.41
N SER B 229 11.62 -1.70 -2.73
CA SER B 229 10.71 -2.47 -3.59
C SER B 229 10.76 -3.95 -3.25
N LEU B 230 11.95 -4.48 -2.99
CA LEU B 230 12.06 -5.90 -2.71
C LEU B 230 11.52 -6.24 -1.33
N ALA B 231 11.62 -5.34 -0.35
CA ALA B 231 10.95 -5.55 0.92
C ALA B 231 9.45 -5.69 0.70
N CYS B 232 8.88 -4.80 -0.12
CA CYS B 232 7.46 -4.90 -0.46
C CYS B 232 7.14 -6.23 -1.13
N LYS B 233 7.97 -6.65 -2.09
CA LYS B 233 7.73 -7.91 -2.79
C LYS B 233 7.81 -9.10 -1.82
N MET B 234 8.82 -9.12 -0.95
CA MET B 234 9.01 -10.24 -0.04
C MET B 234 7.89 -10.33 0.98
N GLN B 235 7.26 -9.21 1.31
CA GLN B 235 6.09 -9.26 2.19
C GLN B 235 5.04 -10.25 1.68
N ALA B 236 4.76 -10.23 0.37
CA ALA B 236 3.80 -11.17 -0.19
C ALA B 236 4.30 -12.61 -0.16
N GLN B 237 5.59 -12.84 0.07
CA GLN B 237 6.17 -14.18 0.08
C GLN B 237 6.13 -14.83 1.45
N ALA B 238 5.70 -14.10 2.49
CA ALA B 238 5.81 -14.61 3.85
C ALA B 238 4.70 -15.60 4.15
N GLU B 239 4.97 -16.49 5.11
CA GLU B 239 3.91 -17.34 5.60
C GLU B 239 3.03 -16.54 6.54
N SER B 240 1.89 -17.12 6.90
CA SER B 240 1.01 -16.53 7.90
C SER B 240 1.81 -16.19 9.16
N ASN B 241 1.72 -14.94 9.59
CA ASN B 241 2.47 -14.44 10.75
C ASN B 241 3.97 -14.64 10.54
N GLY B 242 4.42 -14.50 9.31
CA GLY B 242 5.80 -14.73 8.95
C GLY B 242 6.52 -13.44 8.58
N VAL B 243 7.85 -13.56 8.55
CA VAL B 243 8.74 -12.47 8.18
C VAL B 243 9.71 -13.02 7.14
N VAL B 244 9.88 -12.29 6.04
CA VAL B 244 10.81 -12.66 4.98
C VAL B 244 11.81 -11.51 4.81
N VAL B 245 13.10 -11.85 4.76
CA VAL B 245 14.16 -10.85 4.67
C VAL B 245 15.02 -11.14 3.45
N GLY B 246 15.70 -10.08 2.96
CA GLY B 246 16.58 -10.21 1.84
C GLY B 246 18.00 -10.56 2.26
N ASP B 247 18.83 -10.89 1.26
CA ASP B 247 20.21 -11.31 1.49
C ASP B 247 20.98 -10.31 2.35
N ASN B 248 20.79 -9.01 2.11
CA ASN B 248 21.60 -8.02 2.80
C ASN B 248 21.34 -7.99 4.30
N ILE B 249 20.26 -8.60 4.78
CA ILE B 249 20.01 -8.65 6.21
C ILE B 249 20.92 -9.68 6.89
N LEU B 250 21.28 -10.76 6.20
CA LEU B 250 21.91 -11.89 6.88
C LEU B 250 23.27 -11.57 7.48
N PRO B 251 24.20 -10.93 6.76
CA PRO B 251 25.52 -10.65 7.36
C PRO B 251 25.46 -9.87 8.68
N TYR B 252 24.38 -9.13 8.93
CA TYR B 252 24.25 -8.39 10.18
C TYR B 252 23.79 -9.27 11.33
N LYS B 253 23.53 -10.56 11.10
CA LYS B 253 23.17 -11.47 12.18
C LYS B 253 23.94 -12.77 12.06
N SER B 254 25.23 -12.67 11.72
CA SER B 254 26.13 -13.82 11.59
C SER B 254 25.55 -14.90 10.69
N SER B 255 24.74 -14.48 9.70
CA SER B 255 24.10 -15.37 8.73
C SER B 255 23.55 -16.65 9.38
N ASP B 256 23.08 -16.53 10.62
CA ASP B 256 22.72 -17.69 11.42
C ASP B 256 21.58 -18.47 10.77
N LYS B 257 21.89 -19.69 10.29
CA LYS B 257 20.83 -20.57 9.83
C LYS B 257 19.96 -21.07 10.98
N ASN B 258 20.29 -20.66 12.20
CA ASN B 258 19.39 -20.82 13.32
C ASN B 258 18.12 -20.02 13.09
N TYR B 259 18.24 -18.85 12.46
CA TYR B 259 17.14 -17.91 12.28
C TYR B 259 16.67 -17.75 10.84
N PHE B 260 17.53 -17.98 9.85
CA PHE B 260 17.21 -17.70 8.47
C PHE B 260 17.19 -18.98 7.65
N THR B 261 16.15 -19.16 6.84
CA THR B 261 16.01 -20.32 5.97
C THR B 261 15.79 -19.83 4.55
N TYR B 262 16.71 -20.15 3.65
CA TYR B 262 16.55 -19.75 2.25
C TYR B 262 15.25 -20.28 1.67
N LYS B 263 14.51 -19.43 0.95
CA LYS B 263 13.28 -19.86 0.31
C LYS B 263 13.22 -19.32 -1.12
N LYS B 264 12.73 -20.14 -2.04
CA LYS B 264 12.54 -19.72 -3.41
C LYS B 264 11.35 -18.76 -3.54
N TYR B 265 11.37 -17.97 -4.61
CA TYR B 265 10.36 -16.95 -4.87
C TYR B 265 9.21 -17.53 -5.68
N LYS B 266 7.99 -17.44 -5.13
CA LYS B 266 6.81 -17.97 -5.81
C LYS B 266 6.18 -16.90 -6.70
N LYS B 267 5.84 -17.29 -7.93
CA LYS B 267 5.30 -16.39 -8.93
C LYS B 267 4.38 -17.22 -9.82
N ASN B 268 3.07 -16.95 -9.75
CA ASN B 268 2.06 -17.63 -10.57
C ASN B 268 2.24 -19.14 -10.57
N GLY B 269 2.21 -19.72 -9.37
CA GLY B 269 2.31 -21.15 -9.19
C GLY B 269 3.66 -21.77 -9.50
N SER B 270 4.63 -21.00 -10.00
CA SER B 270 5.97 -21.52 -10.23
C SER B 270 6.93 -20.93 -9.21
N GLU B 271 8.13 -21.50 -9.13
CA GLU B 271 9.14 -21.05 -8.19
C GLU B 271 10.42 -20.72 -8.92
N LEU B 272 11.09 -19.66 -8.47
CA LEU B 272 12.34 -19.16 -9.01
C LEU B 272 13.37 -19.09 -7.90
N PRO B 273 14.66 -19.18 -8.23
CA PRO B 273 15.67 -19.20 -7.18
C PRO B 273 15.91 -17.86 -6.50
N TYR B 274 15.59 -16.74 -7.14
CA TYR B 274 15.94 -15.45 -6.60
C TYR B 274 14.76 -14.50 -6.65
N VAL B 275 14.71 -13.56 -5.69
CA VAL B 275 13.71 -12.50 -5.73
C VAL B 275 14.02 -11.54 -6.86
N TYR B 276 15.31 -11.36 -7.16
CA TYR B 276 15.74 -10.42 -8.18
C TYR B 276 17.06 -10.90 -8.74
N GLU B 277 17.23 -10.77 -10.04
CA GLU B 277 18.46 -11.19 -10.71
C GLU B 277 18.84 -10.19 -11.78
N ILE B 278 20.09 -9.74 -11.74
CA ILE B 278 20.72 -8.97 -12.80
C ILE B 278 21.95 -9.76 -13.25
N PRO B 279 21.83 -10.59 -14.29
CA PRO B 279 22.99 -11.42 -14.69
C PRO B 279 24.22 -10.60 -15.08
N GLU B 280 24.04 -9.47 -15.79
CA GLU B 280 25.18 -8.66 -16.21
C GLU B 280 26.02 -8.18 -15.04
N GLU B 281 25.46 -8.12 -13.84
CA GLU B 281 26.20 -7.75 -12.64
C GLU B 281 26.45 -8.94 -11.72
N TYR B 282 26.13 -10.15 -12.18
CA TYR B 282 26.23 -11.36 -11.36
C TYR B 282 25.47 -11.17 -10.05
N PHE B 283 24.31 -10.51 -10.15
CA PHE B 283 23.50 -10.17 -8.99
C PHE B 283 22.36 -11.17 -8.88
N ARG B 284 22.39 -11.98 -7.82
CA ARG B 284 21.40 -13.02 -7.59
C ARG B 284 20.94 -12.89 -6.14
N TYR B 285 19.81 -12.22 -5.92
CA TYR B 285 19.37 -11.83 -4.59
C TYR B 285 18.39 -12.88 -4.05
N LYS B 286 18.74 -13.47 -2.91
CA LYS B 286 17.95 -14.51 -2.28
C LYS B 286 17.11 -13.94 -1.14
N GLN B 287 15.95 -14.56 -0.92
CA GLN B 287 15.09 -14.25 0.21
C GLN B 287 15.07 -15.41 1.19
N HIS B 288 14.77 -15.10 2.44
CA HIS B 288 14.87 -16.04 3.53
C HIS B 288 13.72 -15.85 4.52
N ASP B 289 13.10 -16.96 4.93
CA ASP B 289 12.23 -16.96 6.09
C ASP B 289 13.04 -16.62 7.34
N PHE B 290 12.49 -15.75 8.18
CA PHE B 290 13.12 -15.38 9.43
C PHE B 290 12.32 -16.01 10.57
N ASN B 291 12.97 -16.91 11.31
CA ASN B 291 12.33 -17.60 12.44
C ASN B 291 12.33 -16.65 13.64
N TRP B 292 11.33 -15.78 13.70
CA TRP B 292 11.29 -14.78 14.75
C TRP B 292 10.97 -15.40 16.11
N GLU B 293 10.25 -16.52 16.14
CA GLU B 293 9.93 -17.18 17.41
C GLU B 293 11.20 -17.65 18.11
N LYS B 294 12.07 -18.34 17.39
CA LYS B 294 13.34 -18.74 17.96
C LYS B 294 14.22 -17.53 18.28
N PHE B 295 14.14 -16.48 17.46
CA PHE B 295 14.83 -15.23 17.75
C PHE B 295 14.43 -14.69 19.12
N LEU B 296 13.12 -14.63 19.39
CA LEU B 296 12.64 -14.17 20.69
C LEU B 296 13.08 -15.12 21.79
N LYS B 297 13.07 -16.42 21.51
CA LYS B 297 13.43 -17.41 22.52
C LYS B 297 14.88 -17.22 22.99
N ASN B 298 15.79 -16.91 22.06
CA ASN B 298 17.21 -16.85 22.37
C ASN B 298 17.67 -15.44 22.75
N HIS B 299 16.80 -14.64 23.36
CA HIS B 299 17.17 -13.30 23.83
C HIS B 299 16.89 -13.16 25.33
#